data_2JB4
#
_entry.id   2JB4
#
_cell.length_a   46.677
_cell.length_b   71.273
_cell.length_c   100.906
_cell.angle_alpha   90.00
_cell.angle_beta   90.00
_cell.angle_gamma   90.00
#
_symmetry.space_group_name_H-M   'P 21 21 21'
#
loop_
_entity.id
_entity.type
_entity.pdbx_description
1 polymer 'Isopenicillin N synthase'
2 non-polymer '(1S,4S,5S,7R)-7-{[(5S)-5-AMINO-5-CARBOXYPENTANOYL]AMINO}-3,3-DIMETHYL-6-OXO-2-THIABICYCLO[3.2.0]HEPTANE-4-CARBOXYLIC ACID'
3 non-polymer 'FE (III) ION'
4 non-polymer 'SULFATE ION'
5 non-polymer GLYCEROL
6 water water
#
_entity_poly.entity_id   1
_entity_poly.type   'polypeptide(L)'
_entity_poly.pdbx_seq_one_letter_code
;MGSVSKANVPKIDVSPLFGDDQAAKMRVAQQIDAASRDTGFFYAVNHGINVQRLSQKTKEFHMSITPEEKWDLAIRAYNK
EHQDQVRAGYYLSIPGKKAVESFCYLNPNFTPDHPRIQAKTPTHEVNVWPDETKHPGFQDFAEQYYWDVFGLSSALLKGY
ALALGKEENFFARHFKPDDTLASVVLIRYPYLDPYPEAAIKTAADGTKLSFEWHEDVSLITVLYQSNVQNLQVETAAGYQ
DIEADDTGYLINCGSYMAHLTNNYYKAPIHRVKWVNAERQSLPFFVNLGYDSVIDPFDPREPNGKSDREPLSYGDYLQNG
LVSLINKNGQT
;
_entity_poly.pdbx_strand_id   A
#
loop_
_chem_comp.id
_chem_comp.type
_chem_comp.name
_chem_comp.formula
A14 non-polymer '(1S,4S,5S,7R)-7-{[(5S)-5-AMINO-5-CARBOXYPENTANOYL]AMINO}-3,3-DIMETHYL-6-OXO-2-THIABICYCLO[3.2.0]HEPTANE-4-CARBOXYLIC ACID' 'C15 H22 N2 O6 S'
FE non-polymer 'FE (III) ION' 'Fe 3'
GOL non-polymer GLYCEROL 'C3 H8 O3'
SO4 non-polymer 'SULFATE ION' 'O4 S -2'
#
# COMPACT_ATOMS: atom_id res chain seq x y z
N SER A 3 0.99 26.80 -11.90
CA SER A 3 0.79 25.97 -10.70
C SER A 3 -0.04 24.76 -11.05
N VAL A 4 0.11 23.74 -10.24
CA VAL A 4 -0.68 22.55 -10.34
C VAL A 4 -1.86 22.72 -9.36
N SER A 5 -3.09 22.38 -9.76
CA SER A 5 -4.23 22.45 -8.83
C SER A 5 -4.18 21.40 -7.73
N LYS A 6 -4.81 21.70 -6.61
CA LYS A 6 -4.93 20.77 -5.47
C LYS A 6 -6.04 19.78 -5.73
N ALA A 7 -5.73 18.53 -5.56
CA ALA A 7 -6.74 17.49 -5.67
C ALA A 7 -7.73 17.54 -4.49
N ASN A 8 -8.98 17.24 -4.79
CA ASN A 8 -9.99 17.06 -3.76
C ASN A 8 -9.78 15.74 -3.06
N VAL A 9 -9.25 15.80 -1.83
CA VAL A 9 -9.01 14.62 -1.03
C VAL A 9 -9.68 14.89 0.32
N PRO A 10 -10.91 14.42 0.49
CA PRO A 10 -11.62 14.71 1.76
C PRO A 10 -11.09 13.96 2.93
N LYS A 11 -11.26 14.47 4.11
CA LYS A 11 -10.97 13.83 5.35
C LYS A 11 -12.25 13.16 5.84
N ILE A 12 -12.24 11.87 6.03
CA ILE A 12 -13.41 11.10 6.43
C ILE A 12 -13.12 10.50 7.79
N ASP A 13 -13.93 10.83 8.76
CA ASP A 13 -13.90 10.23 10.09
C ASP A 13 -14.43 8.82 9.98
N VAL A 14 -13.50 7.88 10.09
CA VAL A 14 -13.83 6.46 9.89
C VAL A 14 -14.21 5.76 11.19
N SER A 15 -14.18 6.45 12.31
CA SER A 15 -14.44 5.78 13.58
C SER A 15 -15.74 5.02 13.69
N PRO A 16 -16.82 5.47 12.98
CA PRO A 16 -18.01 4.61 13.06
C PRO A 16 -17.87 3.22 12.51
N LEU A 17 -16.90 2.99 11.63
CA LEU A 17 -16.69 1.68 11.07
C LEU A 17 -16.14 0.66 12.03
N PHE A 18 -15.68 1.10 13.19
CA PHE A 18 -15.26 0.21 14.25
C PHE A 18 -16.38 -0.18 15.19
N GLY A 19 -17.56 0.45 15.08
CA GLY A 19 -18.66 0.27 16.06
C GLY A 19 -19.87 -0.42 15.48
N ASP A 20 -20.99 -0.23 16.18
CA ASP A 20 -22.22 -0.93 15.90
C ASP A 20 -23.40 0.01 15.50
N ASP A 21 -23.14 1.25 15.11
CA ASP A 21 -24.17 2.18 14.72
C ASP A 21 -24.28 2.15 13.20
N GLN A 22 -25.27 1.40 12.71
CA GLN A 22 -25.33 1.07 11.29
C GLN A 22 -25.62 2.27 10.39
N ALA A 23 -26.50 3.19 10.80
CA ALA A 23 -26.76 4.39 10.04
C ALA A 23 -25.52 5.26 9.93
N ALA A 24 -24.78 5.39 11.04
CA ALA A 24 -23.55 6.14 11.03
C ALA A 24 -22.57 5.50 10.06
N LYS A 25 -22.47 4.17 10.03
CA LYS A 25 -21.60 3.52 9.05
C LYS A 25 -22.05 3.81 7.63
N MET A 26 -23.37 3.84 7.36
CA MET A 26 -23.79 4.21 6.00
C MET A 26 -23.40 5.62 5.60
N ARG A 27 -23.45 6.54 6.56
CA ARG A 27 -23.00 7.89 6.21
C ARG A 27 -21.53 7.96 5.98
N VAL A 28 -20.70 7.12 6.62
CA VAL A 28 -19.30 7.03 6.24
C VAL A 28 -19.15 6.40 4.83
N ALA A 29 -19.91 5.34 4.58
CA ALA A 29 -19.87 4.67 3.29
C ALA A 29 -20.19 5.61 2.15
N GLN A 30 -21.16 6.52 2.34
CA GLN A 30 -21.45 7.46 1.29
C GLN A 30 -20.26 8.35 1.01
N GLN A 31 -19.52 8.74 2.05
CA GLN A 31 -18.37 9.59 1.83
C GLN A 31 -17.29 8.82 1.09
N ILE A 32 -17.11 7.55 1.39
CA ILE A 32 -16.17 6.72 0.65
C ILE A 32 -16.57 6.60 -0.80
N ASP A 33 -17.87 6.34 -1.05
CA ASP A 33 -18.41 6.28 -2.39
C ASP A 33 -18.07 7.56 -3.13
N ALA A 34 -18.37 8.72 -2.55
CA ALA A 34 -18.15 9.96 -3.24
C ALA A 34 -16.68 10.17 -3.56
N ALA A 35 -15.79 9.87 -2.64
CA ALA A 35 -14.35 10.07 -2.88
C ALA A 35 -13.86 9.10 -3.96
N SER A 36 -14.39 7.86 -3.95
CA SER A 36 -13.97 6.82 -4.89
C SER A 36 -14.42 7.12 -6.29
N ARG A 37 -15.53 7.86 -6.43
CA ARG A 37 -16.07 8.25 -7.74
C ARG A 37 -15.45 9.53 -8.20
N ASP A 38 -14.75 10.27 -7.36
CA ASP A 38 -14.16 11.58 -7.72
C ASP A 38 -12.66 11.35 -7.99
N THR A 39 -11.76 11.79 -7.12
CA THR A 39 -10.35 11.65 -7.44
C THR A 39 -9.84 10.27 -7.11
N GLY A 40 -10.54 9.53 -6.26
CA GLY A 40 -10.09 8.22 -5.89
C GLY A 40 -9.30 8.16 -4.62
N PHE A 41 -9.08 9.27 -3.96
CA PHE A 41 -8.35 9.34 -2.71
C PHE A 41 -9.17 9.99 -1.62
N PHE A 42 -8.92 9.54 -0.40
CA PHE A 42 -9.41 10.24 0.80
C PHE A 42 -8.44 9.99 1.91
N TYR A 43 -8.46 10.87 2.91
CA TYR A 43 -7.75 10.66 4.18
C TYR A 43 -8.71 10.06 5.18
N ALA A 44 -8.33 8.95 5.77
CA ALA A 44 -9.01 8.40 6.92
C ALA A 44 -8.49 9.05 8.17
N VAL A 45 -9.38 9.66 8.93
CA VAL A 45 -9.01 10.29 10.18
C VAL A 45 -9.81 9.64 11.32
N ASN A 46 -9.38 9.84 12.57
CA ASN A 46 -9.94 9.18 13.72
C ASN A 46 -9.81 7.67 13.60
N HIS A 47 -8.67 7.22 13.09
CA HIS A 47 -8.37 5.83 12.81
C HIS A 47 -7.83 5.04 13.96
N GLY A 48 -7.43 5.70 15.03
CA GLY A 48 -6.97 5.06 16.23
C GLY A 48 -5.53 4.57 16.27
N ILE A 49 -4.77 4.73 15.19
CA ILE A 49 -3.40 4.23 15.16
C ILE A 49 -2.44 5.34 15.59
N ASN A 50 -1.46 4.97 16.39
CA ASN A 50 -0.40 5.90 16.83
C ASN A 50 0.66 6.02 15.76
N VAL A 51 0.41 6.94 14.84
CA VAL A 51 1.27 7.13 13.68
C VAL A 51 2.55 7.85 14.01
N GLN A 52 2.54 8.68 15.04
CA GLN A 52 3.78 9.31 15.44
C GLN A 52 4.78 8.28 15.92
N ARG A 53 4.27 7.28 16.66
CA ARG A 53 5.19 6.27 17.19
C ARG A 53 5.64 5.38 16.05
N LEU A 54 4.74 5.05 15.09
CA LEU A 54 5.14 4.35 13.85
C LEU A 54 6.29 5.08 13.19
N SER A 55 6.16 6.38 13.02
CA SER A 55 7.19 7.14 12.32
C SER A 55 8.49 7.15 13.11
N GLN A 56 8.43 7.26 14.44
CA GLN A 56 9.63 7.24 15.27
C GLN A 56 10.35 5.91 15.22
N LYS A 57 9.61 4.81 15.34
CA LYS A 57 10.25 3.52 15.34
C LYS A 57 10.84 3.23 13.97
N THR A 58 10.15 3.61 12.92
CA THR A 58 10.66 3.42 11.58
C THR A 58 11.91 4.25 11.30
N LYS A 59 11.95 5.50 11.76
CA LYS A 59 13.15 6.32 11.63
C LYS A 59 14.31 5.66 12.36
N GLU A 60 14.06 5.17 13.57
CA GLU A 60 15.16 4.54 14.35
C GLU A 60 15.75 3.36 13.57
N PHE A 61 14.90 2.57 12.92
CA PHE A 61 15.36 1.47 12.10
C PHE A 61 16.14 1.97 10.89
N HIS A 62 15.56 2.87 10.12
CA HIS A 62 16.17 3.30 8.85
C HIS A 62 17.52 3.93 9.11
N MET A 63 17.63 4.68 10.20
CA MET A 63 18.85 5.45 10.46
C MET A 63 19.93 4.62 11.12
N SER A 64 19.61 3.46 11.65
CA SER A 64 20.60 2.63 12.30
C SER A 64 21.02 1.40 11.57
N ILE A 65 20.24 0.98 10.59
CA ILE A 65 20.65 -0.18 9.86
C ILE A 65 21.92 0.10 9.04
N THR A 66 22.82 -0.87 8.99
CA THR A 66 24.15 -0.69 8.41
C THR A 66 24.19 -1.39 7.08
N PRO A 67 25.16 -1.05 6.24
CA PRO A 67 25.33 -1.72 4.97
C PRO A 67 25.44 -3.22 5.05
N GLU A 68 26.12 -3.73 6.08
CA GLU A 68 26.28 -5.13 6.28
C GLU A 68 24.90 -5.80 6.45
N GLU A 69 24.07 -5.20 7.30
CA GLU A 69 22.74 -5.73 7.60
C GLU A 69 21.85 -5.70 6.38
N LYS A 70 21.99 -4.66 5.56
CA LYS A 70 21.21 -4.54 4.33
C LYS A 70 21.48 -5.69 3.36
N TRP A 71 22.76 -6.06 3.16
CA TRP A 71 23.06 -7.22 2.33
C TRP A 71 22.47 -8.49 2.92
N ASP A 72 22.58 -8.60 4.21
CA ASP A 72 22.11 -9.79 4.90
C ASP A 72 20.59 -9.99 4.89
N LEU A 73 19.84 -8.91 4.69
CA LEU A 73 18.40 -8.90 4.61
C LEU A 73 17.89 -8.75 3.17
N ALA A 74 18.75 -8.59 2.18
CA ALA A 74 18.38 -8.19 0.87
C ALA A 74 17.50 -9.15 0.10
N ILE A 75 16.55 -8.64 -0.65
CA ILE A 75 15.79 -9.43 -1.60
C ILE A 75 16.73 -9.97 -2.71
N ARG A 76 16.21 -10.94 -3.44
CA ARG A 76 16.99 -11.62 -4.48
C ARG A 76 17.48 -10.74 -5.63
N ALA A 77 16.77 -9.66 -5.86
CA ALA A 77 17.19 -8.70 -6.89
C ALA A 77 18.52 -8.05 -6.54
N TYR A 78 18.86 -8.01 -5.26
CA TYR A 78 20.15 -7.48 -4.84
C TYR A 78 21.14 -8.50 -4.34
N ASN A 79 20.67 -9.69 -3.96
CA ASN A 79 21.53 -10.72 -3.37
C ASN A 79 21.08 -12.05 -3.93
N LYS A 80 21.87 -12.59 -4.84
CA LYS A 80 21.55 -13.88 -5.48
C LYS A 80 21.50 -15.06 -4.53
N GLU A 81 22.07 -14.91 -3.33
CA GLU A 81 22.03 -15.99 -2.35
C GLU A 81 20.63 -16.15 -1.77
N HIS A 82 19.78 -15.14 -1.91
CA HIS A 82 18.47 -15.15 -1.24
C HIS A 82 17.32 -15.42 -2.20
N GLN A 83 17.36 -16.59 -2.81
CA GLN A 83 16.40 -16.92 -3.86
C GLN A 83 14.95 -17.02 -3.39
N ASP A 84 14.72 -17.24 -2.09
CA ASP A 84 13.34 -17.26 -1.57
C ASP A 84 12.75 -15.89 -1.28
N GLN A 85 13.57 -14.85 -1.34
CA GLN A 85 13.15 -13.50 -0.99
C GLN A 85 12.82 -12.74 -2.25
N VAL A 86 11.60 -12.87 -2.72
CA VAL A 86 11.12 -12.11 -3.85
C VAL A 86 10.50 -10.80 -3.38
N ARG A 87 9.67 -10.86 -2.35
CA ARG A 87 8.87 -9.74 -1.80
C ARG A 87 9.52 -9.20 -0.51
N ALA A 88 9.79 -10.06 0.46
CA ALA A 88 10.12 -9.66 1.81
C ALA A 88 11.63 -9.47 1.99
N GLY A 89 12.01 -8.35 2.60
CA GLY A 89 13.39 -8.01 2.91
C GLY A 89 13.74 -6.62 2.49
N TYR A 90 15.04 -6.41 2.42
CA TYR A 90 15.60 -5.09 2.15
C TYR A 90 15.79 -4.82 0.68
N TYR A 91 15.45 -3.60 0.28
CA TYR A 91 15.56 -3.12 -1.09
C TYR A 91 16.58 -2.00 -1.03
N LEU A 92 17.77 -2.25 -1.49
CA LEU A 92 18.89 -1.32 -1.29
C LEU A 92 18.82 -0.13 -2.22
N SER A 93 19.37 0.99 -1.75
CA SER A 93 19.65 2.11 -2.59
C SER A 93 20.92 1.79 -3.36
N ILE A 94 21.18 2.59 -4.35
CA ILE A 94 22.41 2.49 -5.10
C ILE A 94 22.95 3.93 -5.16
N PRO A 95 23.86 4.33 -4.25
CA PRO A 95 24.30 5.70 -4.23
C PRO A 95 24.76 6.14 -5.59
N GLY A 96 24.35 7.33 -5.98
CA GLY A 96 24.69 7.88 -7.28
C GLY A 96 23.67 7.53 -8.34
N LYS A 97 22.77 6.59 -8.06
CA LYS A 97 21.84 6.04 -9.07
C LYS A 97 20.38 5.87 -8.65
N LYS A 98 20.17 5.36 -7.47
CA LYS A 98 18.83 5.00 -6.96
C LYS A 98 18.76 5.46 -5.54
N ALA A 99 17.94 6.45 -5.23
CA ALA A 99 18.00 7.05 -3.89
C ALA A 99 17.18 6.32 -2.88
N VAL A 100 16.04 5.81 -3.26
CA VAL A 100 15.09 5.19 -2.35
C VAL A 100 15.62 3.87 -1.86
N GLU A 101 15.31 3.54 -0.62
CA GLU A 101 15.52 2.21 -0.08
C GLU A 101 14.36 1.82 0.78
N SER A 102 14.15 0.53 1.00
CA SER A 102 12.97 0.12 1.74
C SER A 102 13.12 -1.23 2.33
N PHE A 103 12.22 -1.55 3.26
CA PHE A 103 12.10 -2.84 3.93
C PHE A 103 10.66 -3.30 3.87
N CYS A 104 10.44 -4.45 3.28
CA CYS A 104 9.09 -5.05 3.12
C CYS A 104 8.94 -6.23 4.04
N TYR A 105 7.80 -6.36 4.66
CA TYR A 105 7.44 -7.56 5.37
C TYR A 105 5.97 -7.89 5.09
N LEU A 106 5.70 -9.20 5.26
CA LEU A 106 4.41 -9.83 5.01
C LEU A 106 3.77 -10.26 6.30
N ASN A 107 2.68 -10.99 6.14
CA ASN A 107 1.92 -11.57 7.28
C ASN A 107 2.83 -12.29 8.25
N PRO A 108 2.88 -11.87 9.51
CA PRO A 108 3.69 -12.58 10.49
C PRO A 108 3.28 -14.02 10.70
N ASN A 109 2.06 -14.41 10.30
CA ASN A 109 1.64 -15.79 10.42
C ASN A 109 2.23 -16.66 9.33
N PHE A 110 2.94 -16.11 8.35
CA PHE A 110 3.66 -16.95 7.38
C PHE A 110 4.92 -17.43 8.04
N THR A 111 4.79 -18.49 8.79
CA THR A 111 5.90 -19.13 9.49
C THR A 111 6.33 -20.35 8.70
N PRO A 112 7.49 -20.95 9.04
CA PRO A 112 7.94 -22.13 8.31
C PRO A 112 6.94 -23.24 8.24
N ASP A 113 6.10 -23.40 9.26
CA ASP A 113 5.08 -24.43 9.28
C ASP A 113 3.73 -24.06 8.62
N HIS A 114 3.56 -22.86 8.10
CA HIS A 114 2.32 -22.47 7.47
C HIS A 114 2.12 -23.30 6.22
N PRO A 115 0.89 -23.82 5.98
CA PRO A 115 0.70 -24.66 4.80
C PRO A 115 1.12 -24.08 3.46
N ARG A 116 0.95 -22.78 3.27
CA ARG A 116 1.33 -22.17 2.00
C ARG A 116 2.83 -21.99 1.89
N ILE A 117 3.54 -21.87 3.00
CA ILE A 117 5.01 -21.84 3.01
C ILE A 117 5.53 -23.26 2.74
N GLN A 118 4.92 -24.26 3.37
CA GLN A 118 5.33 -25.62 3.12
C GLN A 118 5.12 -25.94 1.66
N ALA A 119 4.04 -25.50 1.07
CA ALA A 119 3.75 -25.79 -0.33
C ALA A 119 4.57 -24.96 -1.35
N LYS A 120 5.26 -23.94 -0.86
CA LYS A 120 6.06 -23.03 -1.66
C LYS A 120 5.16 -22.31 -2.65
N THR A 121 3.98 -21.90 -2.22
CA THR A 121 3.04 -21.20 -3.07
C THR A 121 3.60 -19.82 -3.37
N PRO A 122 3.58 -19.41 -4.66
CA PRO A 122 4.05 -18.07 -5.01
C PRO A 122 3.38 -16.97 -4.16
N THR A 123 4.15 -15.93 -3.90
CA THR A 123 3.78 -14.71 -3.17
C THR A 123 3.80 -14.84 -1.64
N HIS A 124 3.96 -16.07 -1.13
CA HIS A 124 4.09 -16.30 0.29
C HIS A 124 5.54 -16.50 0.66
N GLU A 125 6.00 -15.79 1.68
CA GLU A 125 7.39 -15.92 2.17
C GLU A 125 7.41 -15.72 3.66
N VAL A 126 8.41 -16.27 4.34
CA VAL A 126 8.68 -16.03 5.74
C VAL A 126 9.49 -14.75 5.86
N ASN A 127 9.03 -13.81 6.67
CA ASN A 127 9.73 -12.59 6.87
C ASN A 127 11.13 -12.78 7.34
N VAL A 128 12.00 -11.84 7.01
CA VAL A 128 13.37 -11.73 7.50
C VAL A 128 13.50 -10.49 8.34
N TRP A 129 14.26 -10.56 9.43
CA TRP A 129 14.38 -9.51 10.42
C TRP A 129 15.81 -9.28 10.78
N PRO A 130 16.19 -8.03 11.14
CA PRO A 130 17.53 -7.77 11.59
C PRO A 130 17.75 -8.39 12.96
N ASP A 131 18.99 -8.44 13.40
CA ASP A 131 19.36 -8.94 14.72
C ASP A 131 18.65 -8.16 15.82
N GLU A 132 18.03 -8.86 16.76
CA GLU A 132 17.31 -8.22 17.87
C GLU A 132 18.21 -7.33 18.72
N THR A 133 19.47 -7.74 18.95
CA THR A 133 20.38 -6.93 19.76
C THR A 133 20.75 -5.60 19.10
N LYS A 134 20.78 -5.57 17.78
CA LYS A 134 21.08 -4.36 17.03
C LYS A 134 19.86 -3.44 16.87
N HIS A 135 18.68 -4.05 16.86
CA HIS A 135 17.41 -3.33 16.65
C HIS A 135 16.41 -3.72 17.70
N PRO A 136 16.71 -3.43 18.95
CA PRO A 136 15.82 -3.92 20.01
C PRO A 136 14.40 -3.45 19.88
N GLY A 137 13.47 -4.39 19.95
CA GLY A 137 12.04 -4.08 19.87
C GLY A 137 11.50 -3.88 18.49
N PHE A 138 12.32 -3.82 17.45
CA PHE A 138 11.84 -3.52 16.13
C PHE A 138 10.91 -4.57 15.56
N GLN A 139 11.30 -5.84 15.56
CA GLN A 139 10.45 -6.88 15.05
C GLN A 139 9.12 -6.88 15.77
N ASP A 140 9.11 -6.78 17.07
CA ASP A 140 7.85 -6.84 17.82
C ASP A 140 6.99 -5.65 17.47
N PHE A 141 7.58 -4.48 17.37
CA PHE A 141 6.84 -3.31 16.98
C PHE A 141 6.22 -3.48 15.61
N ALA A 142 7.03 -3.95 14.67
CA ALA A 142 6.59 -4.05 13.29
C ALA A 142 5.48 -5.06 13.11
N GLU A 143 5.58 -6.17 13.83
CA GLU A 143 4.52 -7.18 13.73
C GLU A 143 3.23 -6.66 14.35
N GLN A 144 3.34 -5.97 15.48
CA GLN A 144 2.16 -5.35 16.08
C GLN A 144 1.55 -4.30 15.13
N TYR A 145 2.39 -3.54 14.45
CA TYR A 145 1.88 -2.55 13.49
C TYR A 145 1.10 -3.25 12.41
N TYR A 146 1.60 -4.38 11.92
CA TYR A 146 0.86 -5.12 10.90
C TYR A 146 -0.57 -5.35 11.39
N TRP A 147 -0.73 -5.81 12.61
CA TRP A 147 -2.04 -6.10 13.09
C TRP A 147 -2.88 -4.86 13.38
N ASP A 148 -2.26 -3.75 13.76
CA ASP A 148 -2.98 -2.49 13.94
C ASP A 148 -3.53 -2.00 12.60
N VAL A 149 -2.71 -1.99 11.56
CA VAL A 149 -3.15 -1.55 10.24
C VAL A 149 -4.08 -2.54 9.57
N PHE A 150 -3.91 -3.82 9.86
CA PHE A 150 -4.89 -4.81 9.46
C PHE A 150 -6.26 -4.49 10.01
N GLY A 151 -6.31 -4.14 11.28
CA GLY A 151 -7.61 -3.77 11.89
C GLY A 151 -8.23 -2.59 11.28
N LEU A 152 -7.46 -1.53 11.06
CA LEU A 152 -7.99 -0.36 10.34
C LEU A 152 -8.48 -0.74 8.95
N SER A 153 -7.73 -1.58 8.22
CA SER A 153 -8.05 -1.95 6.87
C SER A 153 -9.33 -2.76 6.83
N SER A 154 -9.53 -3.59 7.81
CA SER A 154 -10.76 -4.37 7.88
C SER A 154 -11.93 -3.46 8.05
N ALA A 155 -11.81 -2.45 8.91
CA ALA A 155 -12.89 -1.46 9.05
C ALA A 155 -13.12 -0.72 7.77
N LEU A 156 -12.08 -0.28 7.10
CA LEU A 156 -12.24 0.38 5.82
C LEU A 156 -12.95 -0.48 4.79
N LEU A 157 -12.61 -1.76 4.75
CA LEU A 157 -13.25 -2.67 3.83
C LEU A 157 -14.73 -2.83 4.12
N LYS A 158 -15.14 -2.70 5.35
CA LYS A 158 -16.58 -2.69 5.65
C LYS A 158 -17.22 -1.46 5.07
N GLY A 159 -16.54 -0.31 5.14
CA GLY A 159 -17.07 0.89 4.51
C GLY A 159 -17.18 0.80 3.00
N TYR A 160 -16.16 0.23 2.36
CA TYR A 160 -16.22 0.04 0.89
C TYR A 160 -17.39 -0.88 0.47
N ALA A 161 -17.57 -1.96 1.23
CA ALA A 161 -18.63 -2.91 0.95
C ALA A 161 -19.98 -2.19 1.04
N LEU A 162 -20.21 -1.48 2.13
CA LEU A 162 -21.45 -0.75 2.25
C LEU A 162 -21.63 0.25 1.15
N ALA A 163 -20.55 0.93 0.79
CA ALA A 163 -20.57 1.94 -0.27
C ALA A 163 -21.06 1.37 -1.60
N LEU A 164 -20.72 0.12 -1.88
CA LEU A 164 -21.05 -0.56 -3.13
C LEU A 164 -22.36 -1.30 -3.06
N GLY A 165 -23.12 -1.15 -1.99
CA GLY A 165 -24.45 -1.77 -1.88
C GLY A 165 -24.40 -3.20 -1.40
N LYS A 166 -23.29 -3.60 -0.78
CA LYS A 166 -23.10 -4.98 -0.33
C LYS A 166 -23.20 -5.04 1.20
N GLU A 167 -23.27 -6.24 1.75
CA GLU A 167 -23.19 -6.44 3.21
C GLU A 167 -21.79 -6.10 3.68
N GLU A 168 -21.62 -5.72 4.97
CA GLU A 168 -20.35 -5.12 5.36
C GLU A 168 -19.20 -6.09 5.33
N ASN A 169 -19.45 -7.42 5.38
CA ASN A 169 -18.36 -8.41 5.28
C ASN A 169 -18.00 -8.86 3.87
N PHE A 170 -18.49 -8.20 2.84
CA PHE A 170 -18.29 -8.61 1.47
C PHE A 170 -16.85 -8.78 1.04
N PHE A 171 -16.01 -7.82 1.43
CA PHE A 171 -14.55 -7.92 1.21
C PHE A 171 -13.89 -8.48 2.44
N ALA A 172 -14.27 -8.06 3.62
CA ALA A 172 -13.57 -8.44 4.85
C ALA A 172 -13.55 -9.91 5.12
N ARG A 173 -14.54 -10.65 4.66
CA ARG A 173 -14.58 -12.07 4.85
C ARG A 173 -13.44 -12.80 4.13
N HIS A 174 -12.80 -12.15 3.16
CA HIS A 174 -11.67 -12.66 2.41
C HIS A 174 -10.34 -12.10 2.92
N PHE A 175 -10.37 -11.31 3.95
CA PHE A 175 -9.19 -10.59 4.52
C PHE A 175 -9.00 -11.11 5.92
N LYS A 176 -8.16 -12.12 6.04
CA LYS A 176 -8.12 -12.93 7.25
C LYS A 176 -6.69 -13.05 7.77
N PRO A 177 -6.51 -13.01 9.09
CA PRO A 177 -5.14 -13.06 9.62
C PRO A 177 -4.34 -14.27 9.23
N ASP A 178 -4.97 -15.41 9.01
CA ASP A 178 -4.21 -16.63 8.76
C ASP A 178 -3.68 -16.63 7.36
N ASP A 179 -4.22 -15.86 6.44
CA ASP A 179 -3.84 -16.04 5.04
C ASP A 179 -3.62 -14.77 4.21
N THR A 180 -3.87 -13.60 4.75
CA THR A 180 -3.72 -12.40 3.92
C THR A 180 -2.34 -12.22 3.33
N LEU A 181 -2.31 -11.86 2.06
CA LEU A 181 -1.13 -11.51 1.31
C LEU A 181 -0.70 -10.05 1.44
N ALA A 182 -1.33 -9.33 2.37
CA ALA A 182 -1.03 -7.92 2.58
C ALA A 182 0.43 -7.73 2.97
N SER A 183 0.97 -6.59 2.54
CA SER A 183 2.36 -6.22 2.83
C SER A 183 2.48 -4.84 3.42
N VAL A 184 3.46 -4.67 4.30
CA VAL A 184 3.93 -3.39 4.78
C VAL A 184 5.27 -3.11 4.11
N VAL A 185 5.44 -1.90 3.59
CA VAL A 185 6.71 -1.41 3.09
C VAL A 185 7.12 -0.20 3.84
N LEU A 186 8.29 -0.21 4.43
CA LEU A 186 8.87 0.94 5.12
C LEU A 186 9.87 1.62 4.20
N ILE A 187 9.42 2.63 3.48
CA ILE A 187 10.23 3.30 2.46
C ILE A 187 10.90 4.56 3.02
N ARG A 188 12.20 4.64 2.83
CA ARG A 188 13.00 5.79 3.13
C ARG A 188 13.32 6.56 1.85
N TYR A 189 12.86 7.82 1.79
CA TYR A 189 13.31 8.76 0.73
C TYR A 189 14.32 9.68 1.37
N PRO A 190 15.56 9.70 0.96
CA PRO A 190 16.58 10.48 1.60
C PRO A 190 16.69 11.89 1.14
N TYR A 191 17.25 12.72 2.02
CA TYR A 191 17.82 14.01 1.60
C TYR A 191 19.24 13.70 1.09
N LEU A 192 19.61 14.19 -0.09
CA LEU A 192 20.95 14.03 -0.64
C LEU A 192 21.47 15.32 -1.18
N ASP A 193 22.72 15.66 -0.88
CA ASP A 193 23.35 16.85 -1.43
C ASP A 193 24.76 16.50 -1.89
N PRO A 194 24.96 16.38 -3.21
CA PRO A 194 24.04 16.59 -4.33
C PRO A 194 23.12 15.40 -4.52
N TYR A 195 21.95 15.66 -5.10
CA TYR A 195 21.02 14.59 -5.43
C TYR A 195 21.33 14.10 -6.83
N PRO A 196 21.62 12.82 -6.99
CA PRO A 196 21.99 12.41 -8.34
C PRO A 196 20.83 12.43 -9.34
N GLU A 197 21.11 13.03 -10.49
CA GLU A 197 20.14 13.13 -11.58
C GLU A 197 19.67 11.77 -12.04
N ALA A 198 20.54 10.75 -11.97
CA ALA A 198 20.13 9.46 -12.42
C ALA A 198 19.03 8.90 -11.56
N ALA A 199 18.88 9.39 -10.33
CA ALA A 199 17.80 8.95 -9.46
C ALA A 199 16.53 9.76 -9.58
N ILE A 200 16.48 10.69 -10.53
CA ILE A 200 15.35 11.57 -10.77
C ILE A 200 14.82 11.25 -12.15
N LYS A 201 13.56 10.90 -12.23
CA LYS A 201 12.88 10.64 -13.49
C LYS A 201 12.17 11.90 -13.92
N THR A 202 11.87 12.03 -15.20
CA THR A 202 11.18 13.19 -15.73
C THR A 202 9.91 12.76 -16.46
N ALA A 203 8.77 13.31 -16.06
CA ALA A 203 7.49 13.02 -16.69
C ALA A 203 7.37 13.73 -18.02
N ALA A 204 6.42 13.28 -18.84
CA ALA A 204 6.25 13.89 -20.16
C ALA A 204 5.96 15.39 -19.99
N ASP A 205 5.28 15.78 -18.91
CA ASP A 205 4.99 17.19 -18.63
C ASP A 205 6.11 17.96 -17.95
N GLY A 206 7.30 17.35 -17.78
CA GLY A 206 8.43 18.03 -17.23
C GLY A 206 8.60 17.88 -15.74
N THR A 207 7.62 17.31 -15.06
CA THR A 207 7.68 17.17 -13.61
C THR A 207 8.76 16.17 -13.28
N LYS A 208 9.60 16.54 -12.31
CA LYS A 208 10.61 15.65 -11.77
C LYS A 208 9.95 14.69 -10.79
N LEU A 209 10.26 13.41 -10.98
CA LEU A 209 9.62 12.32 -10.25
C LEU A 209 10.59 11.42 -9.56
N SER A 210 10.18 10.86 -8.46
CA SER A 210 10.86 9.71 -7.86
C SER A 210 10.23 8.39 -8.30
N PHE A 211 8.97 8.38 -8.68
CA PHE A 211 8.29 7.12 -9.08
C PHE A 211 7.25 7.51 -10.10
N GLU A 212 7.24 6.84 -11.22
CA GLU A 212 6.38 7.16 -12.34
C GLU A 212 4.90 6.74 -12.10
N TRP A 213 4.06 7.14 -13.02
CA TRP A 213 2.65 6.86 -12.95
C TRP A 213 2.38 5.41 -12.86
N HIS A 214 1.36 5.07 -12.07
CA HIS A 214 0.96 3.70 -11.90
C HIS A 214 -0.39 3.65 -11.26
N GLU A 215 -1.00 2.48 -11.34
CA GLU A 215 -2.09 2.03 -10.45
C GLU A 215 -1.53 1.07 -9.42
N ASP A 216 -2.02 1.11 -8.20
CA ASP A 216 -1.54 0.16 -7.21
C ASP A 216 -2.00 -1.27 -7.48
N VAL A 217 -1.12 -2.20 -7.10
CA VAL A 217 -1.45 -3.62 -7.07
C VAL A 217 -1.93 -3.91 -5.65
N SER A 218 -3.26 -3.88 -5.50
CA SER A 218 -3.89 -4.03 -4.20
C SER A 218 -5.38 -4.03 -4.41
N LEU A 219 -6.11 -4.41 -3.35
CA LEU A 219 -7.54 -4.12 -3.26
C LEU A 219 -7.71 -2.63 -2.91
N ILE A 220 -7.17 -2.25 -1.75
CA ILE A 220 -6.99 -0.85 -1.37
C ILE A 220 -5.58 -0.70 -0.82
N THR A 221 -5.10 0.53 -0.76
CA THR A 221 -3.81 0.90 -0.19
C THR A 221 -4.06 1.88 0.93
N VAL A 222 -3.38 1.63 2.07
CA VAL A 222 -3.58 2.34 3.34
C VAL A 222 -2.21 2.91 3.74
N LEU A 223 -2.04 4.20 3.45
CA LEU A 223 -0.71 4.81 3.42
C LEU A 223 -0.47 5.86 4.47
N TYR A 224 0.57 5.75 5.25
CA TYR A 224 1.05 6.83 6.10
C TYR A 224 2.27 7.47 5.39
N GLN A 225 2.34 8.80 5.32
CA GLN A 225 3.54 9.50 4.87
C GLN A 225 3.85 10.62 5.76
N SER A 226 5.11 11.00 5.81
CA SER A 226 5.52 12.26 6.39
C SER A 226 4.82 13.42 5.83
N ASN A 227 4.95 14.54 6.52
CA ASN A 227 4.32 15.79 6.14
C ASN A 227 5.16 16.58 5.10
N VAL A 228 5.43 15.97 3.96
CA VAL A 228 6.13 16.58 2.84
C VAL A 228 5.30 16.23 1.63
N GLN A 229 4.78 17.25 0.98
CA GLN A 229 3.92 17.02 -0.17
C GLN A 229 4.65 16.34 -1.32
N ASN A 230 4.06 15.30 -1.93
CA ASN A 230 4.79 14.61 -3.03
C ASN A 230 3.91 13.91 -4.02
N LEU A 231 2.73 13.44 -3.62
CA LEU A 231 1.89 12.66 -4.50
C LEU A 231 1.06 13.52 -5.41
N GLN A 232 0.86 13.00 -6.63
CA GLN A 232 -0.05 13.60 -7.59
C GLN A 232 -0.98 12.54 -8.17
N VAL A 233 -2.20 12.92 -8.41
CA VAL A 233 -3.21 12.06 -9.01
C VAL A 233 -3.65 12.59 -10.35
N GLU A 234 -3.79 11.75 -11.35
CA GLU A 234 -4.30 12.13 -12.67
C GLU A 234 -5.85 12.18 -12.54
N THR A 235 -6.40 13.32 -12.88
CA THR A 235 -7.83 13.51 -13.00
C THR A 235 -8.13 13.99 -14.41
N ALA A 236 -9.41 14.25 -14.70
CA ALA A 236 -9.81 14.78 -16.01
C ALA A 236 -9.20 16.15 -16.24
N ALA A 237 -8.93 16.87 -15.16
CA ALA A 237 -8.31 18.19 -15.21
C ALA A 237 -6.79 18.14 -15.19
N GLY A 238 -6.22 16.95 -15.31
CA GLY A 238 -4.77 16.78 -15.37
C GLY A 238 -4.27 16.29 -14.03
N TYR A 239 -2.94 16.26 -13.85
CA TYR A 239 -2.35 15.84 -12.58
C TYR A 239 -2.59 16.95 -11.56
N GLN A 240 -3.02 16.53 -10.37
CA GLN A 240 -3.29 17.42 -9.27
C GLN A 240 -2.54 16.96 -8.04
N ASP A 241 -2.13 17.91 -7.20
CA ASP A 241 -1.34 17.63 -6.01
C ASP A 241 -2.24 17.11 -4.88
N ILE A 242 -1.82 16.00 -4.27
CA ILE A 242 -2.44 15.52 -3.05
C ILE A 242 -1.73 16.13 -1.85
N GLU A 243 -2.44 16.87 -1.03
CA GLU A 243 -1.90 17.47 0.17
C GLU A 243 -1.39 16.39 1.09
N ALA A 244 -0.30 16.67 1.80
CA ALA A 244 0.17 15.76 2.84
C ALA A 244 -0.68 15.98 4.09
N ASP A 245 -0.80 14.94 4.89
CA ASP A 245 -1.43 14.97 6.22
C ASP A 245 -0.77 13.81 7.00
N ASP A 246 0.17 14.12 7.84
CA ASP A 246 0.85 13.09 8.62
C ASP A 246 0.11 12.70 9.91
N THR A 247 -1.15 13.10 10.03
CA THR A 247 -2.02 12.55 11.06
C THR A 247 -2.98 11.51 10.56
N GLY A 248 -3.23 11.45 9.26
CA GLY A 248 -4.24 10.60 8.65
C GLY A 248 -3.59 9.52 7.84
N TYR A 249 -4.41 8.59 7.39
CA TYR A 249 -3.97 7.64 6.40
C TYR A 249 -4.57 7.96 5.04
N LEU A 250 -3.75 8.01 4.01
CA LEU A 250 -4.26 8.23 2.68
C LEU A 250 -4.72 6.91 2.08
N ILE A 251 -5.95 6.84 1.60
CA ILE A 251 -6.60 5.64 1.15
C ILE A 251 -6.90 5.77 -0.33
N ASN A 252 -6.63 4.72 -1.13
CA ASN A 252 -7.05 4.62 -2.51
C ASN A 252 -7.34 3.21 -2.87
N CYS A 253 -8.07 3.01 -3.93
CA CYS A 253 -8.28 1.68 -4.52
C CYS A 253 -7.16 1.29 -5.42
N GLY A 254 -6.90 -0.03 -5.43
CA GLY A 254 -5.99 -0.64 -6.39
C GLY A 254 -6.73 -1.33 -7.49
N SER A 255 -5.98 -1.91 -8.43
CA SER A 255 -6.60 -2.40 -9.63
C SER A 255 -7.49 -3.62 -9.39
N TYR A 256 -7.34 -4.36 -8.29
CA TYR A 256 -8.30 -5.43 -8.02
C TYR A 256 -9.67 -4.86 -7.74
N MET A 257 -9.77 -3.74 -7.03
CA MET A 257 -11.08 -3.10 -6.83
C MET A 257 -11.68 -2.63 -8.12
N ALA A 258 -10.86 -2.07 -9.00
CA ALA A 258 -11.34 -1.64 -10.31
C ALA A 258 -11.86 -2.83 -11.06
N HIS A 259 -11.19 -3.97 -11.01
CA HIS A 259 -11.70 -5.13 -11.72
C HIS A 259 -13.06 -5.60 -11.17
N LEU A 260 -13.15 -5.69 -9.86
CA LEU A 260 -14.35 -6.24 -9.22
C LEU A 260 -15.54 -5.35 -9.43
N THR A 261 -15.33 -4.04 -9.55
CA THR A 261 -16.42 -3.09 -9.70
C THR A 261 -16.63 -2.60 -11.16
N ASN A 262 -15.94 -3.19 -12.12
CA ASN A 262 -16.00 -2.83 -13.54
C ASN A 262 -15.65 -1.38 -13.73
N ASN A 263 -14.65 -0.95 -13.01
CA ASN A 263 -14.08 0.38 -13.07
C ASN A 263 -15.02 1.44 -12.51
N TYR A 264 -16.07 1.06 -11.78
CA TYR A 264 -16.91 2.04 -11.06
C TYR A 264 -16.11 2.78 -9.98
N TYR A 265 -15.33 2.01 -9.24
CA TYR A 265 -14.28 2.56 -8.39
C TYR A 265 -13.00 2.26 -9.13
N LYS A 266 -12.51 3.28 -9.81
CA LYS A 266 -11.28 3.20 -10.58
C LYS A 266 -10.07 3.09 -9.65
N ALA A 267 -9.01 2.44 -10.08
CA ALA A 267 -7.74 2.54 -9.40
C ALA A 267 -7.10 3.81 -9.91
N PRO A 268 -6.99 4.84 -9.09
CA PRO A 268 -6.48 6.08 -9.66
C PRO A 268 -5.04 6.01 -10.07
N ILE A 269 -4.69 6.61 -11.19
CA ILE A 269 -3.32 6.74 -11.65
C ILE A 269 -2.66 7.85 -10.83
N HIS A 270 -1.49 7.55 -10.27
CA HIS A 270 -0.81 8.51 -9.49
C HIS A 270 0.69 8.33 -9.60
N ARG A 271 1.43 9.34 -9.13
CA ARG A 271 2.87 9.32 -9.25
C ARG A 271 3.46 10.07 -8.08
N VAL A 272 4.78 9.94 -7.91
CA VAL A 272 5.47 10.49 -6.75
C VAL A 272 6.48 11.54 -7.28
N LYS A 273 6.25 12.79 -6.94
CA LYS A 273 7.20 13.87 -7.25
C LYS A 273 8.51 13.68 -6.55
N TRP A 274 9.60 14.10 -7.20
CA TRP A 274 10.88 14.21 -6.60
C TRP A 274 10.90 15.41 -5.68
N VAL A 275 11.30 15.17 -4.44
CA VAL A 275 11.45 16.20 -3.42
C VAL A 275 12.75 15.86 -2.68
N ASN A 276 13.65 16.78 -2.54
CA ASN A 276 14.93 16.51 -1.84
C ASN A 276 14.72 16.78 -0.35
N ALA A 277 14.17 15.78 0.32
CA ALA A 277 13.78 15.82 1.69
C ALA A 277 13.87 14.44 2.27
N GLU A 278 14.29 14.34 3.51
CA GLU A 278 14.33 13.08 4.26
C GLU A 278 12.92 12.79 4.71
N ARG A 279 12.29 11.74 4.22
CA ARG A 279 10.91 11.50 4.50
C ARG A 279 10.62 10.02 4.46
N GLN A 280 9.41 9.67 4.84
CA GLN A 280 8.92 8.29 4.93
C GLN A 280 7.68 8.10 4.16
N SER A 281 7.57 6.95 3.52
CA SER A 281 6.35 6.51 2.84
C SER A 281 6.08 5.08 3.30
N LEU A 282 5.02 4.82 4.08
CA LEU A 282 4.77 3.55 4.76
C LEU A 282 3.46 2.98 4.31
N PRO A 283 3.38 2.41 3.12
CA PRO A 283 2.15 1.78 2.67
C PRO A 283 1.87 0.44 3.25
N PHE A 284 0.60 0.16 3.44
CA PHE A 284 0.05 -1.18 3.65
C PHE A 284 -0.80 -1.51 2.45
N PHE A 285 -0.42 -2.53 1.72
CA PHE A 285 -1.17 -2.94 0.55
C PHE A 285 -2.10 -4.01 0.99
N VAL A 286 -3.40 -3.73 0.92
CA VAL A 286 -4.46 -4.65 1.38
C VAL A 286 -4.71 -5.63 0.31
N ASN A 287 -4.19 -6.85 0.52
CA ASN A 287 -4.32 -8.01 -0.43
C ASN A 287 -5.16 -9.03 0.26
N LEU A 288 -5.92 -9.81 -0.48
CA LEU A 288 -6.71 -10.87 0.04
C LEU A 288 -5.89 -12.16 0.17
N GLY A 289 -6.54 -13.31 0.29
CA GLY A 289 -5.85 -14.56 0.29
C GLY A 289 -5.56 -15.08 -1.09
N TYR A 290 -4.67 -16.05 -1.22
CA TYR A 290 -4.26 -16.54 -2.52
C TYR A 290 -5.39 -17.06 -3.37
N ASP A 291 -6.31 -17.78 -2.77
CA ASP A 291 -7.41 -18.36 -3.47
C ASP A 291 -8.70 -17.53 -3.43
N SER A 292 -8.68 -16.35 -2.84
CA SER A 292 -9.84 -15.53 -2.73
C SER A 292 -10.29 -15.13 -4.13
N VAL A 293 -11.57 -15.28 -4.39
CA VAL A 293 -12.15 -14.86 -5.67
C VAL A 293 -13.47 -14.15 -5.32
N ILE A 294 -13.61 -12.95 -5.82
CA ILE A 294 -14.90 -12.30 -5.70
C ILE A 294 -15.48 -12.14 -7.11
N ASP A 295 -16.74 -12.49 -7.31
CA ASP A 295 -17.29 -12.39 -8.63
C ASP A 295 -17.46 -10.93 -9.00
N PRO A 296 -16.94 -10.55 -10.16
CA PRO A 296 -17.08 -9.15 -10.52
C PRO A 296 -18.52 -8.73 -10.74
N PHE A 297 -18.81 -7.46 -10.50
CA PHE A 297 -20.12 -6.89 -10.60
C PHE A 297 -20.01 -5.45 -11.13
N ASP A 298 -21.14 -4.82 -11.40
CA ASP A 298 -21.18 -3.45 -11.87
C ASP A 298 -22.34 -2.72 -11.20
N PRO A 299 -22.07 -1.86 -10.19
CA PRO A 299 -23.11 -1.06 -9.49
C PRO A 299 -23.79 0.04 -10.30
N ARG A 300 -23.38 0.21 -11.56
CA ARG A 300 -24.12 1.06 -12.45
C ARG A 300 -25.19 0.34 -13.25
N GLU A 301 -25.18 -0.97 -13.25
CA GLU A 301 -26.12 -1.72 -14.10
C GLU A 301 -27.25 -2.22 -13.24
N PRO A 302 -28.50 -2.10 -13.71
CA PRO A 302 -29.62 -2.61 -12.93
C PRO A 302 -29.49 -4.03 -12.38
N ASN A 303 -29.01 -4.97 -13.20
CA ASN A 303 -28.85 -6.36 -12.74
C ASN A 303 -27.51 -6.66 -12.06
N GLY A 304 -26.66 -5.64 -11.92
CA GLY A 304 -25.35 -5.78 -11.33
C GLY A 304 -24.35 -6.60 -12.13
N LYS A 305 -24.69 -7.02 -13.35
CA LYS A 305 -23.81 -7.96 -14.07
C LYS A 305 -22.66 -7.23 -14.75
N SER A 306 -21.55 -7.93 -14.85
CA SER A 306 -20.35 -7.39 -15.46
C SER A 306 -19.85 -8.37 -16.52
N ASP A 307 -19.23 -7.90 -17.59
CA ASP A 307 -18.65 -8.81 -18.58
C ASP A 307 -17.17 -9.11 -18.34
N ARG A 308 -16.75 -8.99 -17.10
CA ARG A 308 -15.41 -9.36 -16.61
C ARG A 308 -15.42 -10.77 -16.05
N GLU A 309 -14.32 -11.49 -16.17
CA GLU A 309 -14.25 -12.83 -15.61
C GLU A 309 -13.64 -12.82 -14.21
N PRO A 310 -14.04 -13.75 -13.36
CA PRO A 310 -13.44 -13.88 -12.07
C PRO A 310 -11.95 -14.15 -12.13
N LEU A 311 -11.25 -13.54 -11.19
CA LEU A 311 -9.80 -13.58 -11.15
C LEU A 311 -9.42 -13.84 -9.71
N SER A 312 -8.70 -14.92 -9.43
CA SER A 312 -8.31 -15.17 -8.05
C SER A 312 -7.25 -14.13 -7.67
N TYR A 313 -7.23 -13.81 -6.38
CA TYR A 313 -6.32 -12.80 -5.90
C TYR A 313 -4.89 -13.20 -6.07
N GLY A 314 -4.54 -14.45 -5.87
CA GLY A 314 -3.19 -14.90 -6.08
C GLY A 314 -2.69 -14.71 -7.50
N ASP A 315 -3.56 -15.00 -8.47
CA ASP A 315 -3.24 -14.81 -9.88
C ASP A 315 -3.01 -13.34 -10.17
N TYR A 316 -3.92 -12.52 -9.67
CA TYR A 316 -3.82 -11.08 -9.80
C TYR A 316 -2.51 -10.58 -9.26
N LEU A 317 -2.17 -10.99 -8.04
CA LEU A 317 -1.04 -10.41 -7.33
C LEU A 317 0.28 -10.82 -7.99
N GLN A 318 0.45 -12.10 -8.26
CA GLN A 318 1.72 -12.55 -8.83
C GLN A 318 1.99 -11.80 -10.17
N ASN A 319 0.96 -11.72 -11.02
CA ASN A 319 1.08 -11.00 -12.29
C ASN A 319 1.30 -9.50 -12.12
N GLY A 320 0.62 -8.88 -11.18
CA GLY A 320 0.72 -7.45 -11.01
C GLY A 320 2.04 -6.95 -10.50
N LEU A 321 2.62 -7.66 -9.56
CA LEU A 321 3.89 -7.22 -8.94
C LEU A 321 5.01 -7.28 -9.97
N VAL A 322 5.02 -8.35 -10.77
CA VAL A 322 5.96 -8.47 -11.90
C VAL A 322 5.77 -7.32 -12.87
N SER A 323 4.53 -7.07 -13.27
CA SER A 323 4.25 -6.04 -14.27
C SER A 323 4.68 -4.65 -13.81
N LEU A 324 4.48 -4.34 -12.53
CA LEU A 324 4.86 -3.02 -12.02
C LEU A 324 6.38 -2.86 -11.99
N ILE A 325 7.10 -3.93 -11.66
CA ILE A 325 8.56 -3.90 -11.75
C ILE A 325 9.03 -3.69 -13.19
N ASN A 326 8.45 -4.40 -14.13
CA ASN A 326 8.80 -4.17 -15.52
C ASN A 326 8.51 -2.77 -16.00
N LYS A 327 7.36 -2.21 -15.56
CA LYS A 327 6.94 -0.89 -16.05
C LYS A 327 7.77 0.23 -15.42
N ASN A 328 7.88 0.21 -14.08
CA ASN A 328 8.47 1.32 -13.34
C ASN A 328 9.79 1.06 -12.65
N GLY A 329 10.33 -0.14 -12.80
CA GLY A 329 11.68 -0.42 -12.34
C GLY A 329 11.69 -1.15 -11.01
N GLN A 330 12.77 -1.87 -10.78
CA GLN A 330 12.98 -2.52 -9.48
C GLN A 330 13.23 -1.48 -8.39
N THR A 331 12.36 -1.47 -7.38
CA THR A 331 12.51 -0.54 -6.26
C THR A 331 13.49 -1.07 -5.29
C1 A14 B . 4.80 -6.31 -2.04
C2 A14 B . 5.51 -4.97 -2.17
C3 A14 B . 4.82 -4.26 -3.35
C4 A14 B . 5.39 -2.86 -3.62
C7 A14 B . 4.76 -2.30 -4.90
C10 A14 B . 5.37 -0.98 -5.26
N11 A14 B . 4.68 0.13 -5.06
C12 A14 B . 5.25 1.45 -5.17
C13 A14 B . 6.31 2.17 -4.38
N14 A14 B . 6.96 -5.05 -2.40
O15 A14 B . 6.55 -0.85 -5.63
C16 A14 B . 4.73 2.89 -5.16
S17 A14 B . 3.28 2.88 -4.05
O18 A14 B . 7.34 1.75 -3.86
O19 A14 B . 3.61 -6.32 -1.73
O20 A14 B . 5.41 -7.37 -2.29
C30 A14 B . 5.38 4.23 -3.10
C31 A14 B . 6.18 5.47 -2.86
C32 A14 B . 3.85 4.34 -3.13
C33 A14 B . 3.18 4.47 -1.75
C37 A14 B . 3.37 5.50 -4.04
O42 A14 B . 5.89 6.32 -1.98
O43 A14 B . 7.15 5.60 -3.67
C15 A14 B . 5.84 3.59 -4.41
FE FE C . 0.96 3.93 -5.53
S SO4 D . 22.82 -10.90 -13.50
O1 SO4 D . 22.73 -12.34 -13.33
O2 SO4 D . 23.08 -10.31 -12.17
O3 SO4 D . 23.93 -10.52 -14.39
O4 SO4 D . 21.58 -10.41 -14.08
C1 GOL E . -9.56 -1.83 -15.52
O1 GOL E . -9.41 -3.18 -15.19
C2 GOL E . -8.15 -1.34 -15.41
O2 GOL E . -8.19 0.05 -15.65
C3 GOL E . -7.73 -1.75 -14.02
O3 GOL E . -7.51 -0.57 -13.32
S SO4 F . 4.93 -2.67 20.68
O1 SO4 F . 5.89 -3.67 20.26
O2 SO4 F . 3.70 -3.34 21.11
O3 SO4 F . 5.46 -1.94 21.87
O4 SO4 F . 4.42 -1.78 19.62
#